data_2ZDI
#
_entry.id   2ZDI
#
_cell.length_a   65.173
_cell.length_b   98.750
_cell.length_c   78.615
_cell.angle_alpha   90.00
_cell.angle_beta   90.00
_cell.angle_gamma   90.00
#
_symmetry.space_group_name_H-M   'P 21 21 2'
#
loop_
_entity.id
_entity.type
_entity.pdbx_description
1 polymer 'Prefoldin subunit beta'
2 polymer 'Prefoldin subunit alpha'
3 non-polymer 'SULFATE ION'
#
loop_
_entity_poly.entity_id
_entity_poly.type
_entity_poly.pdbx_seq_one_letter_code
_entity_poly.pdbx_strand_id
1 'polypeptide(L)'
;MQNIPPQVQAMLGQLDTYQQQLQLVIQQKQKVQADLNEAKKALEEIETLPDDAQIYKTVGTLIVKTTKEKAVQELKEKIE
TLEVRLNALNRQEQKINEKVKELTQKIQAALRPPTAG
;
A,B
2 'polypeptide(L)'
;MIRMAQNNKELEKLAYEYQVLQAQAQILAQNLELLNLAKAEVQTVRETLENLKKIEEEKPEILVPIGAGSFLKGVIVDKN
NAIVSVGSGYAVERSIDEAISFLEKRLKEYDEAIKKTQGALAELEKRIGEVARKAQEVQQKQSMTSFKVKK
;
C
#
loop_
_chem_comp.id
_chem_comp.type
_chem_comp.name
_chem_comp.formula
SO4 non-polymer 'SULFATE ION' 'O4 S -2'
#
# COMPACT_ATOMS: atom_id res chain seq x y z
N ALA A 10 26.06 21.08 8.73
CA ALA A 10 25.67 19.84 8.08
C ALA A 10 25.74 19.99 6.55
N MET A 11 26.94 20.07 6.04
CA MET A 11 27.15 20.06 4.60
C MET A 11 27.17 18.63 4.08
N LEU A 12 27.14 17.66 4.98
CA LEU A 12 27.06 16.25 4.61
C LEU A 12 25.61 15.77 4.64
N GLY A 13 24.76 16.53 5.32
CA GLY A 13 23.34 16.28 5.31
C GLY A 13 22.74 16.80 4.01
N GLN A 14 23.58 17.45 3.22
CA GLN A 14 23.19 17.94 1.91
C GLN A 14 23.80 17.09 0.81
N LEU A 15 24.89 16.38 1.12
CA LEU A 15 25.53 15.49 0.16
C LEU A 15 24.88 14.12 0.16
N ASP A 16 24.44 13.66 1.33
CA ASP A 16 23.66 12.43 1.44
C ASP A 16 22.35 12.64 0.70
N THR A 17 21.83 13.86 0.78
CA THR A 17 20.59 14.23 0.10
C THR A 17 20.79 14.21 -1.42
N TYR A 18 21.72 15.02 -1.90
CA TYR A 18 22.00 15.11 -3.34
C TYR A 18 22.47 13.78 -3.94
N GLN A 19 22.78 12.81 -3.09
CA GLN A 19 23.23 11.52 -3.59
C GLN A 19 22.06 10.59 -3.85
N GLN A 20 21.03 10.67 -2.99
CA GLN A 20 19.81 9.90 -3.20
C GLN A 20 19.03 10.48 -4.38
N GLN A 21 19.11 11.80 -4.55
CA GLN A 21 18.50 12.47 -5.69
C GLN A 21 19.08 11.92 -6.97
N LEU A 22 20.41 12.00 -7.08
CA LEU A 22 21.13 11.52 -8.25
C LEU A 22 20.79 10.07 -8.57
N GLN A 23 20.34 9.34 -7.56
CA GLN A 23 20.06 7.92 -7.73
C GLN A 23 18.71 7.65 -8.41
N LEU A 24 17.64 8.24 -7.87
CA LEU A 24 16.31 8.02 -8.41
C LEU A 24 16.18 8.60 -9.82
N VAL A 25 17.05 9.54 -10.15
CA VAL A 25 17.10 10.11 -11.49
C VAL A 25 17.74 9.11 -12.44
N ILE A 26 18.85 8.51 -12.01
CA ILE A 26 19.50 7.46 -12.78
C ILE A 26 18.53 6.30 -12.99
N GLN A 27 17.76 6.01 -11.95
CA GLN A 27 16.76 4.94 -11.98
C GLN A 27 15.66 5.24 -12.99
N GLN A 28 15.15 6.46 -12.98
CA GLN A 28 14.08 6.85 -13.89
C GLN A 28 14.61 7.03 -15.32
N LYS A 29 15.86 7.46 -15.44
CA LYS A 29 16.48 7.64 -16.75
C LYS A 29 16.61 6.31 -17.49
N GLN A 30 16.83 5.24 -16.73
CA GLN A 30 16.93 3.90 -17.29
C GLN A 30 15.56 3.44 -17.78
N LYS A 31 14.57 3.53 -16.90
CA LYS A 31 13.19 3.12 -17.25
C LYS A 31 12.64 3.97 -18.39
N VAL A 32 13.15 5.19 -18.50
CA VAL A 32 12.73 6.11 -19.54
C VAL A 32 13.43 5.86 -20.86
N GLN A 33 14.75 5.73 -20.82
CA GLN A 33 15.53 5.53 -22.03
C GLN A 33 15.23 4.18 -22.65
N ALA A 34 14.71 3.26 -21.84
CA ALA A 34 14.32 1.94 -22.31
C ALA A 34 12.87 1.95 -22.79
N ASP A 35 12.00 2.58 -22.02
CA ASP A 35 10.59 2.71 -22.39
C ASP A 35 10.47 3.52 -23.67
N LEU A 36 11.46 4.37 -23.92
CA LEU A 36 11.48 5.21 -25.12
C LEU A 36 12.03 4.44 -26.31
N ASN A 37 13.22 3.85 -26.14
CA ASN A 37 13.82 3.07 -27.21
C ASN A 37 12.88 1.95 -27.67
N GLU A 38 12.08 1.46 -26.74
CA GLU A 38 11.08 0.44 -27.02
C GLU A 38 9.95 1.01 -27.87
N ALA A 39 9.45 2.18 -27.46
CA ALA A 39 8.38 2.84 -28.21
C ALA A 39 8.85 3.19 -29.61
N LYS A 40 10.11 3.61 -29.71
CA LYS A 40 10.71 3.95 -31.00
C LYS A 40 10.66 2.75 -31.94
N LYS A 41 11.12 1.60 -31.46
CA LYS A 41 11.08 0.38 -32.24
C LYS A 41 9.65 0.03 -32.63
N ALA A 42 8.73 0.16 -31.68
CA ALA A 42 7.33 -0.18 -31.91
C ALA A 42 6.72 0.64 -33.03
N LEU A 43 6.95 1.95 -33.01
CA LEU A 43 6.42 2.83 -34.05
C LEU A 43 7.09 2.52 -35.37
N GLU A 44 8.39 2.24 -35.30
CA GLU A 44 9.19 1.91 -36.46
C GLU A 44 8.54 0.74 -37.21
N GLU A 45 8.20 -0.30 -36.44
CA GLU A 45 7.62 -1.50 -36.99
C GLU A 45 6.17 -1.35 -37.45
N ILE A 46 5.37 -0.63 -36.65
CA ILE A 46 3.95 -0.51 -36.95
C ILE A 46 3.69 0.36 -38.18
N GLU A 47 4.58 1.32 -38.44
CA GLU A 47 4.42 2.19 -39.59
C GLU A 47 4.52 1.39 -40.90
N THR A 48 5.23 0.27 -40.85
CA THR A 48 5.43 -0.57 -42.02
C THR A 48 4.23 -1.48 -42.31
N LEU A 49 3.12 -1.21 -41.63
CA LEU A 49 1.93 -2.07 -41.72
C LEU A 49 0.89 -1.54 -42.69
N PRO A 50 0.04 -2.46 -43.20
CA PRO A 50 -1.13 -2.04 -43.99
C PRO A 50 -2.06 -1.27 -43.08
N ASP A 51 -2.99 -0.50 -43.65
CA ASP A 51 -3.88 0.30 -42.83
C ASP A 51 -4.96 -0.56 -42.16
N ASP A 52 -5.28 -1.69 -42.78
CA ASP A 52 -6.30 -2.59 -42.25
C ASP A 52 -5.72 -3.64 -41.30
N ALA A 53 -4.55 -3.36 -40.74
CA ALA A 53 -3.86 -4.28 -39.84
C ALA A 53 -4.64 -4.47 -38.54
N GLN A 54 -4.79 -5.72 -38.10
CA GLN A 54 -5.44 -6.01 -36.83
C GLN A 54 -4.46 -5.84 -35.68
N ILE A 55 -4.63 -4.76 -34.92
CA ILE A 55 -3.75 -4.45 -33.79
C ILE A 55 -4.54 -4.35 -32.50
N TYR A 56 -3.97 -4.87 -31.42
CA TYR A 56 -4.55 -4.68 -30.10
C TYR A 56 -3.64 -3.79 -29.27
N LYS A 57 -4.24 -2.74 -28.70
CA LYS A 57 -3.56 -1.78 -27.85
C LYS A 57 -3.78 -2.16 -26.39
N THR A 58 -2.75 -2.02 -25.56
CA THR A 58 -2.89 -2.34 -24.14
C THR A 58 -3.26 -1.11 -23.30
N VAL A 59 -4.56 -0.92 -23.11
CA VAL A 59 -5.07 0.13 -22.25
C VAL A 59 -5.12 -0.35 -20.80
N GLY A 60 -4.07 -0.05 -20.05
CA GLY A 60 -3.98 -0.44 -18.66
C GLY A 60 -4.15 -1.92 -18.45
N THR A 61 -5.33 -2.32 -18.00
CA THR A 61 -5.63 -3.72 -17.71
C THR A 61 -6.33 -4.38 -18.88
N LEU A 62 -6.87 -3.56 -19.77
CA LEU A 62 -7.57 -4.07 -20.96
C LEU A 62 -6.64 -4.18 -22.15
N ILE A 63 -6.89 -5.18 -22.98
CA ILE A 63 -6.22 -5.31 -24.27
C ILE A 63 -7.26 -5.15 -25.36
N VAL A 64 -7.45 -3.91 -25.79
CA VAL A 64 -8.52 -3.59 -26.74
C VAL A 64 -7.97 -3.47 -28.15
N LYS A 65 -8.80 -3.78 -29.14
CA LYS A 65 -8.38 -3.64 -30.53
C LYS A 65 -8.42 -2.18 -30.95
N THR A 66 -7.39 -1.76 -31.67
CA THR A 66 -7.28 -0.39 -32.15
C THR A 66 -6.95 -0.40 -33.65
N THR A 67 -6.69 0.77 -34.22
CA THR A 67 -6.40 0.89 -35.64
C THR A 67 -4.94 1.24 -35.90
N LYS A 68 -4.50 1.01 -37.13
CA LYS A 68 -3.15 1.38 -37.55
C LYS A 68 -2.93 2.86 -37.32
N GLU A 69 -3.94 3.66 -37.67
CA GLU A 69 -3.87 5.12 -37.56
C GLU A 69 -3.82 5.61 -36.12
N LYS A 70 -4.74 5.12 -35.29
CA LYS A 70 -4.78 5.55 -33.90
C LYS A 70 -3.56 5.02 -33.15
N ALA A 71 -3.11 3.83 -33.54
CA ALA A 71 -1.96 3.20 -32.90
C ALA A 71 -0.67 3.97 -33.18
N VAL A 72 -0.55 4.50 -34.39
CA VAL A 72 0.63 5.30 -34.73
C VAL A 72 0.51 6.71 -34.18
N GLN A 73 -0.72 7.22 -34.14
CA GLN A 73 -0.99 8.52 -33.54
C GLN A 73 -0.50 8.53 -32.10
N GLU A 74 -1.14 7.70 -31.26
CA GLU A 74 -0.79 7.60 -29.84
C GLU A 74 0.68 7.28 -29.61
N LEU A 75 1.27 6.57 -30.58
CA LEU A 75 2.63 6.09 -30.42
C LEU A 75 3.63 7.23 -30.60
N LYS A 76 3.26 8.21 -31.42
CA LYS A 76 4.10 9.38 -31.63
C LYS A 76 4.08 10.29 -30.41
N GLU A 77 2.90 10.46 -29.83
CA GLU A 77 2.75 11.27 -28.62
C GLU A 77 3.58 10.67 -27.49
N LYS A 78 3.47 9.35 -27.32
CA LYS A 78 4.24 8.65 -26.32
C LYS A 78 5.73 8.92 -26.53
N ILE A 79 6.17 8.87 -27.79
CA ILE A 79 7.57 9.14 -28.12
C ILE A 79 7.95 10.57 -27.75
N GLU A 80 7.13 11.52 -28.19
CA GLU A 80 7.36 12.94 -27.97
C GLU A 80 7.54 13.25 -26.49
N THR A 81 6.46 13.08 -25.75
CA THR A 81 6.45 13.37 -24.32
C THR A 81 7.54 12.61 -23.57
N LEU A 82 7.81 11.39 -24.01
CA LEU A 82 8.79 10.53 -23.34
C LEU A 82 10.19 11.09 -23.54
N GLU A 83 10.43 11.62 -24.73
CA GLU A 83 11.73 12.17 -25.08
C GLU A 83 11.94 13.46 -24.31
N VAL A 84 10.84 14.20 -24.12
CA VAL A 84 10.86 15.43 -23.36
C VAL A 84 11.38 15.20 -21.94
N ARG A 85 10.84 14.18 -21.29
CA ARG A 85 11.24 13.85 -19.92
C ARG A 85 12.67 13.34 -19.89
N LEU A 86 13.11 12.74 -20.99
CA LEU A 86 14.47 12.24 -21.07
C LEU A 86 15.47 13.38 -20.91
N ASN A 87 15.26 14.46 -21.66
CA ASN A 87 16.11 15.64 -21.55
C ASN A 87 16.00 16.24 -20.15
N ALA A 88 14.79 16.20 -19.60
CA ALA A 88 14.55 16.66 -18.25
C ALA A 88 15.48 15.97 -17.25
N LEU A 89 15.47 14.65 -17.25
CA LEU A 89 16.33 13.88 -16.34
C LEU A 89 17.80 14.08 -16.68
N ASN A 90 18.10 14.35 -17.95
CA ASN A 90 19.48 14.58 -18.37
C ASN A 90 20.08 15.85 -17.78
N ARG A 91 19.31 16.93 -17.81
CA ARG A 91 19.74 18.19 -17.21
C ARG A 91 19.82 18.03 -15.71
N GLN A 92 18.77 17.45 -15.14
CA GLN A 92 18.68 17.23 -13.70
C GLN A 92 19.85 16.39 -13.20
N GLU A 93 20.41 15.57 -14.09
CA GLU A 93 21.53 14.71 -13.73
C GLU A 93 22.83 15.49 -13.62
N GLN A 94 23.19 16.20 -14.69
CA GLN A 94 24.42 16.98 -14.69
C GLN A 94 24.36 18.14 -13.71
N LYS A 95 23.15 18.46 -13.26
CA LYS A 95 22.94 19.52 -12.27
C LYS A 95 23.17 18.99 -10.86
N ILE A 96 22.57 17.85 -10.55
CA ILE A 96 22.77 17.20 -9.26
C ILE A 96 24.21 16.74 -9.14
N ASN A 97 24.85 16.48 -10.27
CA ASN A 97 26.26 16.10 -10.30
C ASN A 97 27.18 17.29 -10.09
N GLU A 98 26.78 18.45 -10.59
CA GLU A 98 27.51 19.68 -10.34
C GLU A 98 27.44 20.03 -8.86
N LYS A 99 26.30 19.72 -8.24
CA LYS A 99 26.10 19.94 -6.81
C LYS A 99 26.86 18.93 -5.97
N VAL A 100 26.96 17.70 -6.48
CA VAL A 100 27.72 16.65 -5.80
C VAL A 100 29.21 16.95 -5.88
N LYS A 101 29.69 17.32 -7.06
CA LYS A 101 31.09 17.66 -7.27
C LYS A 101 31.46 18.96 -6.55
N GLU A 102 30.45 19.73 -6.16
CA GLU A 102 30.67 20.99 -5.44
C GLU A 102 30.92 20.72 -3.96
N LEU A 103 30.09 19.87 -3.37
CA LEU A 103 30.20 19.54 -1.95
C LEU A 103 31.39 18.61 -1.69
N THR A 104 31.72 17.77 -2.66
CA THR A 104 32.86 16.88 -2.54
C THR A 104 34.16 17.68 -2.62
N GLN A 105 34.08 18.87 -3.19
CA GLN A 105 35.26 19.73 -3.29
C GLN A 105 35.31 20.71 -2.11
N LYS A 106 34.16 21.19 -1.68
CA LYS A 106 34.07 22.12 -0.54
C LYS A 106 34.22 21.38 0.79
N ILE A 107 33.90 20.10 0.79
CA ILE A 107 34.07 19.27 1.97
C ILE A 107 35.49 18.69 2.03
N GLN A 108 36.04 18.37 0.85
CA GLN A 108 37.39 17.82 0.74
C GLN A 108 38.46 18.87 0.94
N ALA A 109 38.12 20.13 0.74
CA ALA A 109 39.06 21.23 0.96
C ALA A 109 39.03 21.64 2.42
N ALA A 110 37.87 21.46 3.03
CA ALA A 110 37.72 21.83 4.43
C ALA A 110 38.03 20.65 5.33
N PRO B 5 6.52 -26.14 43.77
CA PRO B 5 5.36 -26.06 44.67
C PRO B 5 4.13 -26.68 44.01
N PRO B 6 3.71 -27.85 44.50
CA PRO B 6 2.59 -28.61 43.92
C PRO B 6 1.28 -27.82 43.86
N GLN B 7 0.87 -27.25 44.98
CA GLN B 7 -0.41 -26.53 45.06
C GLN B 7 -0.47 -25.32 44.13
N VAL B 8 0.67 -24.67 43.91
CA VAL B 8 0.71 -23.47 43.09
C VAL B 8 1.16 -23.75 41.66
N GLN B 9 1.91 -24.83 41.47
CA GLN B 9 2.34 -25.24 40.13
C GLN B 9 1.12 -25.65 39.30
N ALA B 10 0.08 -26.10 39.99
CA ALA B 10 -1.19 -26.43 39.35
C ALA B 10 -2.00 -25.15 39.12
N MET B 11 -1.84 -24.20 40.03
CA MET B 11 -2.52 -22.90 39.92
C MET B 11 -2.04 -22.14 38.69
N LEU B 12 -0.77 -22.31 38.35
CA LEU B 12 -0.17 -21.62 37.21
C LEU B 12 -0.48 -22.34 35.90
N GLY B 13 -0.72 -23.65 35.97
CA GLY B 13 -1.06 -24.43 34.81
C GLY B 13 -2.44 -24.09 34.28
N GLN B 14 -3.32 -23.68 35.19
CA GLN B 14 -4.67 -23.27 34.83
C GLN B 14 -4.66 -21.87 34.24
N LEU B 15 -3.85 -20.99 34.81
CA LEU B 15 -3.75 -19.62 34.35
C LEU B 15 -2.99 -19.55 33.02
N ASP B 16 -2.12 -20.53 32.79
CA ASP B 16 -1.45 -20.65 31.50
C ASP B 16 -2.49 -20.91 30.43
N THR B 17 -3.61 -21.47 30.85
CA THR B 17 -4.75 -21.73 29.98
C THR B 17 -5.59 -20.46 29.83
N TYR B 18 -6.00 -19.88 30.95
CA TYR B 18 -6.82 -18.66 30.95
C TYR B 18 -6.22 -17.58 30.06
N GLN B 19 -4.96 -17.25 30.29
CA GLN B 19 -4.28 -16.18 29.56
C GLN B 19 -4.14 -16.51 28.07
N GLN B 20 -4.15 -17.80 27.75
CA GLN B 20 -4.04 -18.26 26.38
C GLN B 20 -5.40 -18.25 25.66
N GLN B 21 -6.45 -18.59 26.39
CA GLN B 21 -7.81 -18.53 25.87
C GLN B 21 -8.20 -17.09 25.60
N LEU B 22 -7.66 -16.18 26.41
CA LEU B 22 -7.92 -14.75 26.29
C LEU B 22 -7.36 -14.24 24.97
N GLN B 23 -6.32 -14.91 24.48
CA GLN B 23 -5.68 -14.53 23.23
C GLN B 23 -6.55 -14.89 22.02
N LEU B 24 -7.12 -16.10 22.03
CA LEU B 24 -7.98 -16.56 20.95
C LEU B 24 -9.20 -15.65 20.79
N VAL B 25 -9.68 -15.13 21.90
CA VAL B 25 -10.89 -14.31 21.92
C VAL B 25 -10.62 -12.92 21.36
N ILE B 26 -9.55 -12.28 21.81
CA ILE B 26 -9.20 -10.96 21.33
C ILE B 26 -8.83 -10.98 19.85
N GLN B 27 -8.17 -12.05 19.41
CA GLN B 27 -7.84 -12.22 18.00
C GLN B 27 -9.11 -12.32 17.16
N GLN B 28 -10.04 -13.15 17.61
CA GLN B 28 -11.33 -13.30 16.94
C GLN B 28 -12.12 -12.00 17.05
N LYS B 29 -11.85 -11.26 18.11
CA LYS B 29 -12.55 -10.02 18.42
C LYS B 29 -12.12 -8.90 17.49
N GLN B 30 -10.85 -8.94 17.07
CA GLN B 30 -10.32 -7.99 16.12
C GLN B 30 -10.89 -8.29 14.74
N LYS B 31 -10.98 -9.59 14.42
CA LYS B 31 -11.54 -10.02 13.14
C LYS B 31 -12.94 -9.45 12.99
N VAL B 32 -13.79 -9.75 13.96
CA VAL B 32 -15.17 -9.27 13.97
C VAL B 32 -15.24 -7.75 13.86
N GLN B 33 -14.33 -7.07 14.55
CA GLN B 33 -14.30 -5.61 14.50
C GLN B 33 -14.10 -5.09 13.07
N ALA B 34 -13.07 -5.59 12.40
CA ALA B 34 -12.76 -5.18 11.04
C ALA B 34 -13.84 -5.62 10.05
N ASP B 35 -14.45 -6.77 10.32
CA ASP B 35 -15.57 -7.26 9.53
C ASP B 35 -16.72 -6.28 9.61
N LEU B 36 -16.94 -5.75 10.81
CA LEU B 36 -18.02 -4.82 11.06
C LEU B 36 -17.77 -3.51 10.32
N ASN B 37 -16.52 -3.08 10.36
CA ASN B 37 -16.10 -1.90 9.62
C ASN B 37 -16.42 -2.05 8.14
N GLU B 38 -15.97 -3.16 7.57
CA GLU B 38 -16.14 -3.44 6.15
C GLU B 38 -17.60 -3.51 5.76
N ALA B 39 -18.42 -4.11 6.62
CA ALA B 39 -19.85 -4.28 6.36
C ALA B 39 -20.57 -2.94 6.40
N LYS B 40 -20.25 -2.13 7.40
CA LYS B 40 -20.86 -0.82 7.55
C LYS B 40 -20.56 0.10 6.36
N LYS B 41 -19.29 0.17 5.97
CA LYS B 41 -18.89 1.04 4.85
C LYS B 41 -19.54 0.58 3.54
N ALA B 42 -19.72 -0.73 3.39
CA ALA B 42 -20.38 -1.28 2.23
C ALA B 42 -21.84 -0.83 2.21
N LEU B 43 -22.48 -0.91 3.37
CA LEU B 43 -23.89 -0.55 3.48
C LEU B 43 -24.14 0.90 3.11
N GLU B 44 -23.36 1.80 3.70
CA GLU B 44 -23.55 3.22 3.45
C GLU B 44 -23.30 3.57 1.98
N GLU B 45 -22.55 2.71 1.29
CA GLU B 45 -22.26 2.88 -0.12
C GLU B 45 -23.44 2.48 -1.00
N ILE B 46 -24.16 1.45 -0.57
CA ILE B 46 -25.32 0.95 -1.29
C ILE B 46 -26.54 1.85 -1.11
N GLU B 47 -26.64 2.49 0.04
CA GLU B 47 -27.77 3.37 0.36
C GLU B 47 -27.87 4.55 -0.61
N THR B 48 -26.74 4.95 -1.18
CA THR B 48 -26.67 6.09 -2.08
C THR B 48 -27.17 5.76 -3.49
N LEU B 49 -27.63 4.54 -3.68
CA LEU B 49 -27.98 4.07 -5.02
C LEU B 49 -29.47 4.14 -5.28
N PRO B 50 -29.84 4.39 -6.54
CA PRO B 50 -31.23 4.28 -6.99
C PRO B 50 -31.71 2.86 -6.76
N ASP B 51 -32.98 2.68 -6.44
CA ASP B 51 -33.52 1.36 -6.19
C ASP B 51 -33.23 0.43 -7.38
N ASP B 52 -33.15 1.02 -8.56
CA ASP B 52 -32.93 0.28 -9.79
C ASP B 52 -31.46 -0.08 -10.03
N ALA B 53 -30.59 0.41 -9.16
CA ALA B 53 -29.16 0.13 -9.27
C ALA B 53 -28.92 -1.37 -9.29
N GLN B 54 -28.03 -1.80 -10.19
CA GLN B 54 -27.74 -3.22 -10.34
C GLN B 54 -26.52 -3.61 -9.51
N ILE B 55 -26.76 -4.35 -8.43
CA ILE B 55 -25.68 -4.73 -7.54
C ILE B 55 -25.37 -6.23 -7.67
N TYR B 56 -24.10 -6.59 -7.50
CA TYR B 56 -23.63 -7.97 -7.64
C TYR B 56 -23.06 -8.50 -6.34
N LYS B 57 -23.63 -9.60 -5.85
CA LYS B 57 -23.17 -10.22 -4.62
C LYS B 57 -22.31 -11.44 -4.92
N THR B 58 -21.40 -11.75 -4.01
CA THR B 58 -20.54 -12.91 -4.14
C THR B 58 -20.99 -14.01 -3.19
N VAL B 59 -21.40 -15.14 -3.75
CA VAL B 59 -21.83 -16.28 -2.96
C VAL B 59 -20.75 -17.36 -2.98
N GLY B 60 -19.76 -17.21 -2.11
CA GLY B 60 -18.63 -18.11 -2.09
C GLY B 60 -17.82 -18.03 -3.37
N THR B 61 -17.91 -19.07 -4.18
CA THR B 61 -17.22 -19.13 -5.45
C THR B 61 -17.97 -18.38 -6.55
N LEU B 62 -19.27 -18.19 -6.35
CA LEU B 62 -20.12 -17.62 -7.39
C LEU B 62 -20.38 -16.13 -7.22
N ILE B 63 -21.01 -15.54 -8.23
CA ILE B 63 -21.44 -14.14 -8.18
C ILE B 63 -22.87 -14.05 -8.69
N VAL B 64 -23.78 -13.62 -7.82
CA VAL B 64 -25.17 -13.48 -8.20
C VAL B 64 -25.57 -12.02 -8.23
N LYS B 65 -26.35 -11.66 -9.24
CA LYS B 65 -26.85 -10.30 -9.38
C LYS B 65 -28.06 -10.13 -8.49
N THR B 66 -27.87 -9.49 -7.35
CA THR B 66 -28.98 -9.20 -6.43
C THR B 66 -29.41 -7.74 -6.59
N THR B 67 -30.23 -7.25 -5.66
CA THR B 67 -30.78 -5.91 -5.79
C THR B 67 -30.50 -5.03 -4.56
N LYS B 68 -30.55 -3.72 -4.75
CA LYS B 68 -30.31 -2.77 -3.67
C LYS B 68 -31.17 -3.14 -2.46
N GLU B 69 -32.45 -3.36 -2.72
CA GLU B 69 -33.40 -3.78 -1.69
C GLU B 69 -32.87 -4.97 -0.90
N LYS B 70 -32.63 -6.07 -1.59
CA LYS B 70 -32.14 -7.28 -0.94
C LYS B 70 -30.78 -7.04 -0.29
N ALA B 71 -29.87 -6.40 -1.03
CA ALA B 71 -28.52 -6.14 -0.55
C ALA B 71 -28.51 -5.40 0.79
N VAL B 72 -29.39 -4.40 0.91
CA VAL B 72 -29.42 -3.57 2.10
C VAL B 72 -30.04 -4.28 3.31
N GLN B 73 -30.92 -5.23 3.05
CA GLN B 73 -31.47 -6.09 4.10
C GLN B 73 -30.37 -7.00 4.63
N GLU B 74 -29.73 -7.72 3.72
CA GLU B 74 -28.67 -8.66 4.04
C GLU B 74 -27.56 -7.96 4.82
N LEU B 75 -27.20 -6.76 4.35
CA LEU B 75 -26.13 -5.98 4.97
C LEU B 75 -26.50 -5.48 6.36
N LYS B 76 -27.75 -5.05 6.53
CA LYS B 76 -28.21 -4.58 7.83
C LYS B 76 -28.20 -5.72 8.86
N GLU B 77 -28.67 -6.89 8.44
CA GLU B 77 -28.61 -8.10 9.26
C GLU B 77 -27.19 -8.47 9.64
N LYS B 78 -26.32 -8.52 8.65
CA LYS B 78 -24.92 -8.91 8.85
C LYS B 78 -24.29 -8.04 9.93
N ILE B 79 -24.52 -6.74 9.83
CA ILE B 79 -23.98 -5.78 10.79
C ILE B 79 -24.43 -6.07 12.22
N GLU B 80 -25.74 -6.23 12.38
CA GLU B 80 -26.33 -6.47 13.70
C GLU B 80 -25.88 -7.80 14.32
N THR B 81 -25.91 -8.87 13.52
CA THR B 81 -25.41 -10.17 13.97
C THR B 81 -23.92 -10.08 14.29
N LEU B 82 -23.26 -9.13 13.65
CA LEU B 82 -21.82 -8.94 13.83
C LEU B 82 -21.55 -8.16 15.10
N GLU B 83 -22.42 -7.22 15.41
CA GLU B 83 -22.31 -6.44 16.65
C GLU B 83 -22.62 -7.30 17.86
N VAL B 84 -23.64 -8.15 17.73
CA VAL B 84 -24.02 -9.07 18.80
C VAL B 84 -22.92 -10.08 19.03
N ARG B 85 -22.31 -10.53 17.93
CA ARG B 85 -21.19 -11.45 17.98
C ARG B 85 -20.00 -10.76 18.65
N LEU B 86 -20.03 -9.44 18.66
CA LEU B 86 -18.96 -8.65 19.27
C LEU B 86 -19.20 -8.46 20.75
N ASN B 87 -20.48 -8.37 21.14
CA ASN B 87 -20.84 -8.32 22.55
C ASN B 87 -20.65 -9.66 23.24
N ALA B 88 -20.86 -10.74 22.48
CA ALA B 88 -20.60 -12.08 22.97
C ALA B 88 -19.13 -12.24 23.30
N LEU B 89 -18.27 -11.68 22.45
CA LEU B 89 -16.82 -11.77 22.64
C LEU B 89 -16.32 -10.79 23.70
N ASN B 90 -17.17 -9.85 24.08
CA ASN B 90 -16.85 -8.95 25.18
C ASN B 90 -17.15 -9.64 26.52
N ARG B 91 -18.32 -10.27 26.60
CA ARG B 91 -18.65 -11.10 27.75
C ARG B 91 -17.66 -12.26 27.84
N GLN B 92 -17.38 -12.87 26.70
CA GLN B 92 -16.46 -13.99 26.62
C GLN B 92 -15.10 -13.66 27.20
N GLU B 93 -14.68 -12.40 27.03
CA GLU B 93 -13.37 -11.96 27.51
C GLU B 93 -13.42 -11.44 28.94
N GLN B 94 -14.56 -10.92 29.34
CA GLN B 94 -14.73 -10.36 30.68
C GLN B 94 -14.78 -11.47 31.73
N LYS B 95 -15.29 -12.63 31.34
CA LYS B 95 -15.41 -13.77 32.24
C LYS B 95 -14.07 -14.47 32.44
N ILE B 96 -13.27 -14.54 31.38
CA ILE B 96 -11.91 -15.09 31.48
C ILE B 96 -11.00 -14.04 32.12
N ASN B 97 -11.40 -12.77 31.98
CA ASN B 97 -10.67 -11.66 32.56
C ASN B 97 -10.73 -11.72 34.09
N GLU B 98 -11.94 -11.81 34.63
CA GLU B 98 -12.15 -11.87 36.07
C GLU B 98 -11.68 -13.20 36.65
N LYS B 99 -11.86 -14.28 35.89
CA LYS B 99 -11.42 -15.60 36.32
C LYS B 99 -9.90 -15.66 36.42
N VAL B 100 -9.25 -14.68 35.81
CA VAL B 100 -7.79 -14.57 35.88
C VAL B 100 -7.35 -13.77 37.11
N LYS B 101 -8.07 -12.70 37.42
CA LYS B 101 -7.79 -11.91 38.61
C LYS B 101 -8.07 -12.74 39.86
N GLU B 102 -8.98 -13.70 39.73
CA GLU B 102 -9.33 -14.58 40.84
C GLU B 102 -8.27 -15.68 41.01
N LEU B 103 -7.64 -16.06 39.92
CA LEU B 103 -6.55 -17.04 39.97
C LEU B 103 -5.24 -16.36 40.36
N THR B 104 -5.19 -15.04 40.15
CA THR B 104 -4.00 -14.26 40.48
C THR B 104 -3.94 -13.99 41.98
N GLN B 105 -5.09 -13.71 42.58
CA GLN B 105 -5.15 -13.43 44.01
C GLN B 105 -5.16 -14.72 44.83
N LYS B 106 -5.53 -15.83 44.19
CA LYS B 106 -5.59 -17.12 44.87
C LYS B 106 -4.25 -17.82 44.86
N ILE B 107 -3.35 -17.36 44.00
CA ILE B 107 -1.98 -17.86 43.99
C ILE B 107 -1.14 -17.06 44.98
N GLN B 108 -1.38 -15.75 45.02
CA GLN B 108 -0.66 -14.86 45.94
C GLN B 108 -1.07 -15.13 47.39
N ALA B 109 -2.21 -15.76 47.58
CA ALA B 109 -2.69 -16.09 48.91
C ALA B 109 -2.12 -17.42 49.39
N ALA B 110 -1.43 -18.13 48.48
CA ALA B 110 -0.83 -19.42 48.81
C ALA B 110 0.69 -19.31 48.97
N MET C 4 32.26 2.61 35.83
CA MET C 4 32.73 2.33 34.47
C MET C 4 31.88 1.24 33.81
N ALA C 5 31.32 0.35 34.63
CA ALA C 5 30.41 -0.68 34.13
C ALA C 5 28.97 -0.20 34.27
N GLN C 6 28.79 0.92 34.97
CA GLN C 6 27.48 1.55 35.10
C GLN C 6 27.31 2.58 33.99
N ASN C 7 28.43 2.98 33.39
CA ASN C 7 28.42 3.90 32.26
C ASN C 7 28.37 3.15 30.92
N ASN C 8 28.69 1.86 30.97
CA ASN C 8 28.62 1.01 29.78
C ASN C 8 27.26 0.33 29.63
N LYS C 9 26.46 0.36 30.70
CA LYS C 9 25.12 -0.21 30.68
C LYS C 9 24.11 0.83 30.21
N GLU C 10 24.49 2.10 30.33
CA GLU C 10 23.66 3.20 29.85
C GLU C 10 23.98 3.48 28.39
N LEU C 11 25.22 3.20 27.99
CA LEU C 11 25.64 3.38 26.60
C LEU C 11 25.26 2.15 25.77
N GLU C 12 24.86 1.08 26.46
CA GLU C 12 24.39 -0.12 25.79
C GLU C 12 22.87 -0.14 25.72
N LYS C 13 22.23 0.62 26.61
CA LYS C 13 20.78 0.72 26.61
C LYS C 13 20.28 1.58 25.45
N LEU C 14 21.10 2.53 25.02
CA LEU C 14 20.78 3.35 23.87
C LEU C 14 21.05 2.61 22.56
N ALA C 15 22.15 1.85 22.53
CA ALA C 15 22.52 1.09 21.34
C ALA C 15 21.68 -0.19 21.23
N TYR C 16 20.92 -0.49 22.27
CA TYR C 16 20.02 -1.64 22.26
C TYR C 16 18.62 -1.22 21.83
N GLU C 17 18.20 -0.04 22.28
CA GLU C 17 16.92 0.54 21.87
C GLU C 17 16.98 0.97 20.42
N TYR C 18 18.19 1.01 19.86
CA TYR C 18 18.39 1.36 18.46
C TYR C 18 17.91 0.25 17.54
N GLN C 19 18.28 -0.99 17.87
CA GLN C 19 17.87 -2.15 17.08
C GLN C 19 16.41 -2.53 17.34
N VAL C 20 15.85 -2.00 18.42
CA VAL C 20 14.45 -2.26 18.78
C VAL C 20 13.53 -1.24 18.13
N LEU C 21 13.98 0.00 18.05
CA LEU C 21 13.20 1.07 17.44
C LEU C 21 13.41 1.08 15.92
N GLN C 22 14.52 0.47 15.47
CA GLN C 22 14.79 0.35 14.04
C GLN C 22 14.19 -0.94 13.48
N ALA C 23 13.72 -1.80 14.37
CA ALA C 23 13.01 -3.01 13.96
C ALA C 23 11.50 -2.74 13.94
N GLN C 24 11.05 -1.92 14.88
CA GLN C 24 9.66 -1.49 14.92
C GLN C 24 9.42 -0.46 13.82
N ALA C 25 10.48 -0.14 13.09
CA ALA C 25 10.42 0.75 11.94
C ALA C 25 10.72 -0.03 10.67
N GLN C 26 10.97 -1.32 10.81
CA GLN C 26 11.13 -2.21 9.67
C GLN C 26 9.75 -2.68 9.22
N ILE C 27 8.82 -2.72 10.17
CA ILE C 27 7.43 -3.08 9.89
C ILE C 27 6.71 -1.94 9.18
N LEU C 28 7.05 -0.71 9.51
CA LEU C 28 6.43 0.47 8.93
C LEU C 28 6.82 0.64 7.46
N ALA C 29 8.04 0.25 7.13
CA ALA C 29 8.52 0.32 5.75
C ALA C 29 7.88 -0.79 4.91
N GLN C 30 7.50 -1.87 5.58
CA GLN C 30 6.84 -2.99 4.93
C GLN C 30 5.41 -2.63 4.54
N ASN C 31 4.68 -2.05 5.48
CA ASN C 31 3.28 -1.66 5.26
C ASN C 31 3.15 -0.48 4.30
N LEU C 32 4.22 0.30 4.17
CA LEU C 32 4.22 1.45 3.28
C LEU C 32 4.49 1.00 1.85
N GLU C 33 5.15 -0.15 1.72
CA GLU C 33 5.38 -0.73 0.40
C GLU C 33 4.11 -1.40 -0.13
N LEU C 34 3.20 -1.77 0.77
CA LEU C 34 1.94 -2.38 0.38
C LEU C 34 0.95 -1.32 -0.07
N LEU C 35 0.87 -0.23 0.69
CA LEU C 35 -0.07 0.84 0.42
C LEU C 35 0.17 1.51 -0.93
N ASN C 36 1.39 1.98 -1.15
CA ASN C 36 1.72 2.65 -2.41
C ASN C 36 1.60 1.72 -3.61
N LEU C 37 1.49 0.41 -3.35
CA LEU C 37 1.27 -0.56 -4.41
C LEU C 37 -0.22 -0.73 -4.71
N ALA C 38 -1.02 -0.89 -3.66
CA ALA C 38 -2.46 -0.98 -3.83
C ALA C 38 -2.98 0.30 -4.47
N LYS C 39 -2.44 1.44 -4.06
CA LYS C 39 -2.82 2.72 -4.66
C LYS C 39 -2.42 2.80 -6.13
N ALA C 40 -1.29 2.20 -6.46
CA ALA C 40 -0.82 2.19 -7.85
C ALA C 40 -1.70 1.29 -8.72
N GLU C 41 -2.26 0.25 -8.10
CA GLU C 41 -3.20 -0.63 -8.79
C GLU C 41 -4.52 0.08 -9.04
N VAL C 42 -5.03 0.75 -8.01
CA VAL C 42 -6.25 1.54 -8.14
C VAL C 42 -6.10 2.60 -9.23
N GLN C 43 -4.94 3.25 -9.27
CA GLN C 43 -4.68 4.26 -10.28
C GLN C 43 -4.70 3.68 -11.68
N THR C 44 -4.34 2.41 -11.80
CA THR C 44 -4.30 1.76 -13.11
C THR C 44 -5.68 1.25 -13.53
N VAL C 45 -6.49 0.85 -12.56
CA VAL C 45 -7.87 0.47 -12.84
C VAL C 45 -8.67 1.71 -13.20
N ARG C 46 -8.25 2.85 -12.65
CA ARG C 46 -8.84 4.12 -13.02
C ARG C 46 -8.31 4.54 -14.38
N GLU C 47 -7.01 4.30 -14.59
CA GLU C 47 -6.37 4.60 -15.86
C GLU C 47 -7.04 3.86 -17.01
N THR C 48 -7.32 2.58 -16.81
CA THR C 48 -7.99 1.80 -17.84
C THR C 48 -9.41 2.29 -18.12
N LEU C 49 -10.10 2.78 -17.08
CA LEU C 49 -11.46 3.27 -17.24
C LEU C 49 -11.52 4.58 -18.01
N GLU C 50 -10.64 5.52 -17.66
CA GLU C 50 -10.60 6.82 -18.33
C GLU C 50 -10.26 6.67 -19.79
N ASN C 51 -9.44 5.68 -20.12
CA ASN C 51 -9.07 5.41 -21.50
C ASN C 51 -10.20 4.71 -22.24
N LEU C 52 -10.93 3.85 -21.52
CA LEU C 52 -12.08 3.15 -22.09
C LEU C 52 -13.17 4.14 -22.48
N LYS C 53 -13.24 5.23 -21.74
CA LYS C 53 -14.18 6.29 -22.00
C LYS C 53 -13.82 6.99 -23.32
N LYS C 54 -12.56 6.85 -23.71
CA LYS C 54 -12.02 7.54 -24.87
C LYS C 54 -12.07 6.71 -26.16
N ILE C 55 -12.03 5.39 -26.04
CA ILE C 55 -12.13 4.51 -27.20
C ILE C 55 -13.53 4.64 -27.82
N GLU C 56 -13.57 5.18 -29.02
CA GLU C 56 -14.83 5.56 -29.66
C GLU C 56 -15.69 4.35 -29.99
N GLU C 57 -15.00 3.24 -30.21
CA GLU C 57 -15.65 2.07 -30.78
C GLU C 57 -16.90 1.59 -30.02
N GLU C 58 -17.91 1.24 -30.79
CA GLU C 58 -19.17 0.73 -30.29
C GLU C 58 -19.01 -0.32 -29.17
N LYS C 59 -18.95 -1.59 -29.57
CA LYS C 59 -18.62 -2.67 -28.64
C LYS C 59 -17.22 -3.19 -28.96
N PRO C 60 -16.22 -2.68 -28.26
CA PRO C 60 -14.78 -2.93 -28.49
C PRO C 60 -14.37 -4.39 -28.40
N GLU C 61 -13.57 -4.82 -29.38
CA GLU C 61 -12.98 -6.15 -29.38
C GLU C 61 -11.76 -6.16 -28.48
N ILE C 62 -11.60 -7.23 -27.70
CA ILE C 62 -10.51 -7.33 -26.74
C ILE C 62 -9.91 -8.73 -26.71
N LEU C 63 -8.73 -8.85 -26.13
CA LEU C 63 -8.16 -10.14 -25.75
C LEU C 63 -8.23 -10.27 -24.24
N VAL C 64 -8.95 -11.28 -23.78
CA VAL C 64 -9.05 -11.52 -22.33
C VAL C 64 -8.00 -12.53 -21.87
N PRO C 65 -7.08 -12.09 -21.02
CA PRO C 65 -5.96 -12.89 -20.50
C PRO C 65 -6.47 -13.96 -19.53
N ILE C 66 -6.14 -15.22 -19.80
CA ILE C 66 -6.63 -16.30 -18.98
C ILE C 66 -5.51 -17.05 -18.30
N GLY C 67 -4.28 -16.58 -18.47
CA GLY C 67 -3.16 -17.22 -17.82
C GLY C 67 -1.85 -17.08 -18.55
N ALA C 68 -1.12 -18.18 -18.63
CA ALA C 68 0.25 -18.17 -19.13
C ALA C 68 0.34 -17.92 -20.64
N GLY C 69 0.43 -16.65 -21.02
CA GLY C 69 0.50 -16.27 -22.42
C GLY C 69 -0.74 -16.62 -23.21
N SER C 70 -1.81 -16.95 -22.48
CA SER C 70 -3.03 -17.41 -23.11
C SER C 70 -4.09 -16.33 -23.08
N PHE C 71 -4.83 -16.23 -24.19
CA PHE C 71 -5.85 -15.20 -24.35
C PHE C 71 -7.05 -15.78 -25.06
N LEU C 72 -8.20 -15.17 -24.82
CA LEU C 72 -9.40 -15.53 -25.55
C LEU C 72 -9.91 -14.30 -26.27
N LYS C 73 -10.69 -14.51 -27.33
CA LYS C 73 -11.19 -13.41 -28.13
C LYS C 73 -12.58 -13.03 -27.64
N GLY C 74 -12.76 -11.76 -27.31
CA GLY C 74 -14.05 -11.27 -26.84
C GLY C 74 -14.37 -9.84 -27.25
N VAL C 75 -15.44 -9.32 -26.69
CA VAL C 75 -15.86 -7.95 -26.94
C VAL C 75 -16.53 -7.39 -25.69
N ILE C 76 -16.23 -6.15 -25.35
CA ILE C 76 -16.85 -5.54 -24.17
C ILE C 76 -18.22 -4.94 -24.54
N VAL C 77 -19.26 -5.52 -23.96
CA VAL C 77 -20.64 -5.23 -24.38
C VAL C 77 -21.25 -3.97 -23.77
N ASP C 78 -20.91 -3.66 -22.52
CA ASP C 78 -21.36 -2.41 -21.92
C ASP C 78 -20.16 -1.53 -21.59
N LYS C 79 -19.66 -0.84 -22.61
CA LYS C 79 -18.51 0.04 -22.46
C LYS C 79 -18.84 1.24 -21.58
N ASN C 80 -20.11 1.43 -21.28
CA ASN C 80 -20.56 2.62 -20.55
C ASN C 80 -20.62 2.44 -19.04
N ASN C 81 -20.56 1.19 -18.57
CA ASN C 81 -20.66 0.92 -17.15
C ASN C 81 -19.58 -0.02 -16.64
N ALA C 82 -19.43 -0.07 -15.32
CA ALA C 82 -18.43 -0.92 -14.68
C ALA C 82 -18.90 -1.40 -13.30
N ILE C 83 -18.69 -2.69 -13.01
CA ILE C 83 -18.96 -3.20 -11.67
C ILE C 83 -17.77 -2.95 -10.75
N VAL C 84 -17.96 -2.06 -9.78
CA VAL C 84 -16.92 -1.74 -8.83
C VAL C 84 -17.25 -2.31 -7.47
N SER C 85 -16.26 -2.89 -6.81
CA SER C 85 -16.47 -3.53 -5.52
C SER C 85 -16.75 -2.52 -4.41
N VAL C 86 -17.90 -2.67 -3.74
CA VAL C 86 -18.29 -1.78 -2.66
C VAL C 86 -17.76 -2.31 -1.32
N GLY C 87 -17.26 -3.53 -1.31
CA GLY C 87 -16.73 -4.15 -0.11
C GLY C 87 -17.70 -5.13 0.53
N SER C 88 -17.16 -6.04 1.35
CA SER C 88 -17.97 -6.94 2.15
C SER C 88 -18.85 -7.93 1.37
N GLY C 89 -18.38 -8.36 0.20
CA GLY C 89 -19.08 -9.35 -0.60
C GLY C 89 -20.01 -8.76 -1.64
N TYR C 90 -19.89 -7.45 -1.86
CA TYR C 90 -20.79 -6.73 -2.76
C TYR C 90 -20.05 -5.81 -3.73
N ALA C 91 -20.60 -5.67 -4.93
CA ALA C 91 -20.07 -4.73 -5.92
C ALA C 91 -21.21 -4.14 -6.72
N VAL C 92 -21.15 -2.83 -6.98
CA VAL C 92 -22.24 -2.16 -7.67
C VAL C 92 -21.84 -1.76 -9.09
N GLU C 93 -22.77 -1.89 -10.01
CA GLU C 93 -22.57 -1.43 -11.37
C GLU C 93 -22.79 0.08 -11.44
N ARG C 94 -21.84 0.78 -12.06
CA ARG C 94 -21.87 2.24 -12.13
C ARG C 94 -21.62 2.67 -13.55
N SER C 95 -21.93 3.92 -13.86
CA SER C 95 -21.50 4.50 -15.12
C SER C 95 -19.99 4.66 -15.03
N ILE C 96 -19.33 4.73 -16.18
CA ILE C 96 -17.88 4.92 -16.20
C ILE C 96 -17.46 6.05 -15.25
N ASP C 97 -18.18 7.17 -15.29
CA ASP C 97 -17.87 8.33 -14.48
C ASP C 97 -18.07 8.07 -12.99
N GLU C 98 -19.23 7.53 -12.64
CA GLU C 98 -19.53 7.18 -11.26
C GLU C 98 -18.48 6.22 -10.72
N ALA C 99 -18.05 5.30 -11.59
CA ALA C 99 -17.02 4.31 -11.24
C ALA C 99 -15.66 4.96 -11.00
N ILE C 100 -15.22 5.78 -11.95
CA ILE C 100 -13.97 6.51 -11.83
C ILE C 100 -13.98 7.37 -10.58
N SER C 101 -15.12 8.01 -10.33
CA SER C 101 -15.28 8.87 -9.16
C SER C 101 -15.13 8.10 -7.85
N PHE C 102 -15.74 6.92 -7.78
CA PHE C 102 -15.64 6.08 -6.59
C PHE C 102 -14.21 5.57 -6.40
N LEU C 103 -13.55 5.28 -7.52
CA LEU C 103 -12.17 4.81 -7.49
C LEU C 103 -11.23 5.90 -6.98
N GLU C 104 -11.49 7.13 -7.39
CA GLU C 104 -10.69 8.27 -6.95
C GLU C 104 -10.91 8.56 -5.46
N LYS C 105 -12.07 8.16 -4.95
CA LYS C 105 -12.36 8.31 -3.53
C LYS C 105 -11.65 7.24 -2.70
N ARG C 106 -11.50 6.05 -3.26
CA ARG C 106 -10.71 5.00 -2.62
C ARG C 106 -9.22 5.25 -2.82
N LEU C 107 -8.91 5.98 -3.88
CA LEU C 107 -7.54 6.36 -4.22
C LEU C 107 -7.05 7.44 -3.26
N LYS C 108 -7.99 8.12 -2.61
CA LYS C 108 -7.66 9.15 -1.64
C LYS C 108 -7.61 8.54 -0.24
N GLU C 109 -8.31 7.43 -0.05
CA GLU C 109 -8.24 6.68 1.20
C GLU C 109 -6.84 6.07 1.36
N TYR C 110 -6.28 5.61 0.25
CA TYR C 110 -4.91 5.10 0.23
C TYR C 110 -3.93 6.25 0.40
N ASP C 111 -4.27 7.38 -0.19
CA ASP C 111 -3.40 8.55 -0.16
C ASP C 111 -3.16 9.02 1.28
N GLU C 112 -4.12 8.77 2.15
CA GLU C 112 -4.02 9.20 3.54
C GLU C 112 -3.40 8.15 4.45
N ALA C 113 -3.62 6.88 4.12
CA ALA C 113 -3.00 5.79 4.85
C ALA C 113 -1.48 5.83 4.66
N ILE C 114 -1.07 6.27 3.47
CA ILE C 114 0.34 6.44 3.16
C ILE C 114 0.96 7.51 4.04
N LYS C 115 0.27 8.64 4.18
CA LYS C 115 0.73 9.74 5.02
C LYS C 115 0.95 9.30 6.46
N LYS C 116 -0.04 8.63 7.02
CA LYS C 116 0.03 8.12 8.39
C LYS C 116 1.27 7.28 8.59
N THR C 117 1.43 6.27 7.74
CA THR C 117 2.55 5.33 7.83
C THR C 117 3.88 6.00 7.49
N GLN C 118 3.81 7.08 6.71
CA GLN C 118 5.00 7.80 6.31
C GLN C 118 5.41 8.79 7.38
N GLY C 119 4.49 9.11 8.28
CA GLY C 119 4.73 10.05 9.36
C GLY C 119 5.18 9.36 10.64
N ALA C 120 4.78 8.10 10.79
CA ALA C 120 5.24 7.30 11.92
C ALA C 120 6.63 6.77 11.62
N LEU C 121 6.90 6.56 10.33
CA LEU C 121 8.22 6.18 9.86
C LEU C 121 9.15 7.39 9.94
N ALA C 122 8.56 8.57 10.05
CA ALA C 122 9.31 9.81 10.18
C ALA C 122 9.80 10.00 11.61
N GLU C 123 8.88 9.93 12.56
CA GLU C 123 9.22 10.12 13.97
C GLU C 123 10.12 8.99 14.49
N LEU C 124 10.08 7.84 13.83
CA LEU C 124 10.95 6.73 14.21
C LEU C 124 12.37 6.96 13.72
N GLU C 125 12.51 7.66 12.59
CA GLU C 125 13.83 8.06 12.10
C GLU C 125 14.32 9.26 12.90
N LYS C 126 13.44 9.80 13.73
CA LYS C 126 13.75 10.91 14.61
C LYS C 126 14.25 10.38 15.94
N ARG C 127 13.62 9.31 16.40
CA ARG C 127 13.98 8.68 17.66
C ARG C 127 15.26 7.86 17.54
N ILE C 128 15.66 7.57 16.31
CA ILE C 128 16.94 6.90 16.06
C ILE C 128 18.05 7.92 15.90
N GLY C 129 17.71 9.07 15.30
CA GLY C 129 18.68 10.13 15.12
C GLY C 129 19.08 10.75 16.44
N GLU C 130 18.14 10.80 17.38
CA GLU C 130 18.39 11.38 18.69
C GLU C 130 18.91 10.35 19.69
N VAL C 131 18.85 9.08 19.31
CA VAL C 131 19.42 8.02 20.14
C VAL C 131 20.87 7.72 19.76
N ALA C 132 21.16 7.78 18.46
CA ALA C 132 22.53 7.66 17.98
C ALA C 132 23.28 8.97 18.23
N ARG C 133 22.54 9.97 18.69
CA ARG C 133 23.10 11.27 19.02
C ARG C 133 23.39 11.36 20.53
N LYS C 134 22.53 10.73 21.32
CA LYS C 134 22.72 10.67 22.77
C LYS C 134 23.82 9.67 23.13
N ALA C 135 24.00 8.67 22.28
CA ALA C 135 24.99 7.62 22.53
C ALA C 135 26.37 7.96 21.94
N GLN C 136 26.38 8.69 20.83
CA GLN C 136 27.63 9.14 20.23
C GLN C 136 28.27 10.19 21.13
N GLU C 137 27.44 10.80 21.98
CA GLU C 137 27.91 11.79 22.95
C GLU C 137 28.32 11.11 24.25
N VAL C 138 27.74 9.94 24.51
CA VAL C 138 28.10 9.14 25.68
C VAL C 138 29.41 8.40 25.44
N GLN C 139 29.71 8.17 24.16
CA GLN C 139 30.94 7.51 23.76
C GLN C 139 32.08 8.52 23.70
N GLN C 140 31.74 9.78 23.46
CA GLN C 140 32.72 10.86 23.37
C GLN C 140 33.26 11.24 24.74
N LYS C 141 32.36 11.38 25.70
CA LYS C 141 32.75 11.71 27.08
C LYS C 141 33.36 10.51 27.78
N GLN C 142 33.36 9.37 27.10
CA GLN C 142 33.95 8.14 27.64
C GLN C 142 35.40 7.99 27.21
N SER C 143 35.74 8.55 26.05
CA SER C 143 37.09 8.48 25.53
C SER C 143 37.93 9.67 26.01
N MET C 144 37.32 10.55 26.79
CA MET C 144 38.01 11.71 27.34
C MET C 144 38.32 11.53 28.81
N THR C 145 37.42 10.84 29.52
CA THR C 145 37.67 10.49 30.92
C THR C 145 38.86 9.55 30.98
N SER C 146 39.12 8.90 29.84
CA SER C 146 40.26 7.99 29.71
C SER C 146 41.50 8.74 29.20
N PHE C 147 41.31 9.58 28.18
CA PHE C 147 42.44 10.27 27.54
C PHE C 147 43.16 11.26 28.46
N LYS C 148 44.44 11.45 28.18
CA LYS C 148 45.25 12.41 28.91
C LYS C 148 46.55 12.70 28.14
N VAL C 149 46.91 13.98 28.05
CA VAL C 149 48.18 14.39 27.44
C VAL C 149 49.32 13.79 28.26
N LYS C 150 50.30 13.21 27.60
CA LYS C 150 51.30 12.38 28.31
C LYS C 150 52.48 13.11 28.94
N LYS C 151 52.99 12.53 30.02
CA LYS C 151 54.12 13.05 30.78
C LYS C 151 54.02 14.54 31.12
S SO4 D . 19.05 21.70 -23.45
O1 SO4 D . 17.90 22.61 -23.50
O2 SO4 D . 19.75 21.77 -24.74
O3 SO4 D . 19.96 22.12 -22.37
O4 SO4 D . 18.60 20.34 -23.20
S SO4 E . -23.56 -7.31 29.68
O1 SO4 E . -24.97 -7.14 29.33
O2 SO4 E . -22.85 -7.90 28.54
O3 SO4 E . -22.97 -6.03 30.01
O4 SO4 E . -23.44 -8.20 30.83
S SO4 F . -15.44 -7.71 -1.87
O1 SO4 F . -16.71 -7.02 -1.70
O2 SO4 F . -15.38 -8.25 -3.24
O3 SO4 F . -14.35 -6.74 -1.68
O4 SO4 F . -15.31 -8.79 -0.90
#